data_2RA0
#
_entry.id   2RA0
#
_cell.length_a   48.871
_cell.length_b   74.984
_cell.length_c   75.089
_cell.angle_alpha   90.000
_cell.angle_beta   90.000
_cell.angle_gamma   90.000
#
_symmetry.space_group_name_H-M   'P 21 21 21'
#
loop_
_entity.id
_entity.type
_entity.pdbx_description
1 polymer 'Coagulation factor X'
2 polymer 'Coagulation factor X'
3 non-polymer 1-(3-amino-1,2-benzisoxazol-5-yl)-6-(4-{2-[(dimethylamino)methyl]-1H-imidazol-1-yl}-2-fluorophenyl)-7-fluoro-1H-indazole-3-carboxamide
4 water water
#
loop_
_entity_poly.entity_id
_entity_poly.type
_entity_poly.pdbx_seq_one_letter_code
_entity_poly.pdbx_strand_id
1 'polypeptide(L)'
;IVGGQECKDGECPWQALLINEENEGFCGGTILSEFYILTAAHCLYQAKRFKVRVGDRNTEQEEGGEAVHEVEVVIKHNRF
TKETYDFDIAVLRLKTPITFRMNVAPACLPERDWAESTLMTQKTGIVSGFGRTHEKGRQSTRLKMLEVPYVDRNSCKLSS
SFIITQNMFCAGYDTKQEDACQGDSGGPHVTRFKDTYFVTGIVSWGEGCARKGKYGIYTKVTAFLKWIDRSMKT
;
A
2 'polypeptide(L)' VCSLDNGDCDQFCHEEQNSVVCSCARGYTLADNGKACIPTGPYPCGKQTLE L
#
loop_
_chem_comp.id
_chem_comp.type
_chem_comp.name
_chem_comp.formula
JNJ non-polymer 1-(3-amino-1,2-benzisoxazol-5-yl)-6-(4-{2-[(dimethylamino)methyl]-1H-imidazol-1-yl}-2-fluorophenyl)-7-fluoro-1H-indazole-3-carboxamide 'C27 H22 F2 N8 O2'
#
# COMPACT_ATOMS: atom_id res chain seq x y z
N ILE A 1 -2.03 0.45 13.73
CA ILE A 1 -0.82 1.32 13.78
C ILE A 1 -0.40 1.67 15.21
N VAL A 2 0.82 1.30 15.57
CA VAL A 2 1.37 1.58 16.90
C VAL A 2 2.37 2.74 16.78
N GLY A 3 2.06 3.87 17.40
CA GLY A 3 2.94 5.02 17.32
C GLY A 3 2.51 5.85 16.11
N GLY A 4 3.46 6.54 15.48
CA GLY A 4 3.12 7.35 14.32
C GLY A 4 2.13 8.44 14.64
N GLN A 5 1.34 8.88 13.66
CA GLN A 5 0.37 9.94 13.87
C GLN A 5 -0.93 9.69 13.10
N GLU A 6 -1.97 10.47 13.41
CA GLU A 6 -3.23 10.33 12.70
C GLU A 6 -3.03 10.99 11.34
N CYS A 7 -3.63 10.41 10.30
CA CYS A 7 -3.49 10.97 8.95
C CYS A 7 -4.28 12.25 8.82
N LYS A 8 -3.60 13.31 8.40
CA LYS A 8 -4.24 14.60 8.21
C LYS A 8 -5.26 14.43 7.08
N ASP A 9 -6.28 15.27 7.08
CA ASP A 9 -7.31 15.17 6.07
C ASP A 9 -6.72 15.13 4.65
N GLY A 10 -7.06 14.06 3.92
CA GLY A 10 -6.62 13.89 2.54
C GLY A 10 -5.25 13.32 2.27
N GLU A 11 -4.51 13.00 3.32
CA GLU A 11 -3.15 12.48 3.14
C GLU A 11 -3.06 10.99 2.88
N CYS A 12 -4.13 10.26 3.17
CA CYS A 12 -4.14 8.83 2.94
C CYS A 12 -5.38 8.49 2.12
N PRO A 13 -5.59 9.23 1.02
CA PRO A 13 -6.74 9.05 0.13
C PRO A 13 -6.92 7.68 -0.50
N TRP A 14 -5.83 6.91 -0.57
CA TRP A 14 -5.84 5.59 -1.19
C TRP A 14 -6.12 4.47 -0.20
N GLN A 15 -6.49 4.84 1.02
CA GLN A 15 -6.78 3.87 2.06
C GLN A 15 -8.18 3.27 1.91
N ALA A 16 -8.27 1.95 1.97
CA ALA A 16 -9.54 1.26 1.84
C ALA A 16 -9.73 0.38 3.06
N LEU A 17 -10.97 0.26 3.52
CA LEU A 17 -11.27 -0.54 4.71
C LEU A 17 -12.20 -1.70 4.40
N LEU A 18 -11.79 -2.91 4.81
CA LEU A 18 -12.59 -4.11 4.60
C LEU A 18 -13.50 -4.27 5.83
N ILE A 19 -14.81 -4.26 5.60
CA ILE A 19 -15.81 -4.38 6.65
C ILE A 19 -16.54 -5.73 6.65
N ASN A 20 -16.86 -6.20 7.86
CA ASN A 20 -17.58 -7.47 7.99
C ASN A 20 -19.08 -7.21 8.18
N GLU A 21 -19.85 -8.27 8.42
CA GLU A 21 -21.29 -8.13 8.61
C GLU A 21 -21.63 -7.41 9.90
N GLU A 22 -20.61 -7.18 10.73
CA GLU A 22 -20.79 -6.45 11.98
C GLU A 22 -20.64 -4.98 11.63
N ASN A 23 -20.31 -4.74 10.37
CA ASN A 23 -20.11 -3.40 9.82
C ASN A 23 -18.85 -2.78 10.40
N GLU A 24 -17.94 -3.64 10.84
CA GLU A 24 -16.67 -3.22 11.42
C GLU A 24 -15.50 -3.59 10.53
N GLY A 25 -14.40 -2.86 10.68
CA GLY A 25 -13.23 -3.13 9.87
C GLY A 25 -12.30 -4.13 10.53
N PHE A 26 -11.82 -5.08 9.73
CA PHE A 26 -10.92 -6.12 10.21
C PHE A 26 -9.60 -6.06 9.44
N CYS A 27 -9.68 -5.67 8.17
CA CYS A 27 -8.48 -5.55 7.33
C CYS A 27 -8.53 -4.33 6.44
N GLY A 28 -7.37 -3.84 6.03
CA GLY A 28 -7.32 -2.68 5.18
C GLY A 28 -7.04 -3.05 3.74
N GLY A 29 -6.94 -2.04 2.88
CA GLY A 29 -6.66 -2.25 1.48
C GLY A 29 -6.17 -0.98 0.83
N THR A 30 -5.75 -1.08 -0.44
CA THR A 30 -5.25 0.07 -1.17
C THR A 30 -5.95 0.22 -2.53
N ILE A 31 -6.50 1.40 -2.77
CA ILE A 31 -7.19 1.70 -4.01
C ILE A 31 -6.20 1.75 -5.18
N LEU A 32 -6.46 1.02 -6.26
CA LEU A 32 -5.57 1.03 -7.41
C LEU A 32 -6.26 1.63 -8.64
N SER A 33 -7.58 1.72 -8.58
CA SER A 33 -8.39 2.28 -9.67
C SER A 33 -9.85 2.29 -9.22
N GLU A 34 -10.73 2.81 -10.06
CA GLU A 34 -12.14 2.85 -9.71
C GLU A 34 -12.73 1.47 -9.42
N PHE A 35 -12.26 0.46 -10.13
CA PHE A 35 -12.77 -0.89 -9.94
C PHE A 35 -11.89 -1.79 -9.09
N TYR A 36 -10.69 -1.32 -8.75
CA TYR A 36 -9.80 -2.20 -8.01
C TYR A 36 -9.23 -1.79 -6.66
N ILE A 37 -9.14 -2.79 -5.79
CA ILE A 37 -8.61 -2.63 -4.45
C ILE A 37 -7.59 -3.73 -4.23
N LEU A 38 -6.42 -3.35 -3.72
CA LEU A 38 -5.35 -4.31 -3.44
C LEU A 38 -5.41 -4.63 -1.95
N THR A 39 -5.32 -5.90 -1.59
CA THR A 39 -5.32 -6.29 -0.19
C THR A 39 -4.47 -7.53 0.03
N ALA A 40 -4.57 -8.11 1.22
CA ALA A 40 -3.81 -9.31 1.56
C ALA A 40 -4.69 -10.54 1.46
N ALA A 41 -4.12 -11.61 0.92
CA ALA A 41 -4.84 -12.86 0.76
C ALA A 41 -5.40 -13.41 2.08
N HIS A 42 -4.61 -13.34 3.15
CA HIS A 42 -5.05 -13.86 4.44
C HIS A 42 -6.24 -13.13 5.08
N CYS A 43 -6.70 -12.06 4.45
CA CYS A 43 -7.84 -11.30 4.96
C CYS A 43 -9.13 -11.87 4.42
N LEU A 44 -9.10 -12.35 3.18
CA LEU A 44 -10.26 -12.89 2.50
C LEU A 44 -11.12 -13.90 3.29
N TYR A 45 -10.49 -14.81 4.01
CA TYR A 45 -11.23 -15.80 4.79
C TYR A 45 -11.31 -15.41 6.26
N GLN A 46 -11.19 -14.10 6.52
CA GLN A 46 -11.22 -13.58 7.88
C GLN A 46 -12.54 -12.86 8.18
N ALA A 47 -13.51 -13.02 7.30
CA ALA A 47 -14.83 -12.41 7.47
C ALA A 47 -15.84 -13.05 6.52
N LYS A 48 -15.44 -14.16 5.91
CA LYS A 48 -16.30 -14.88 4.97
C LYS A 48 -16.78 -13.93 3.87
N ARG A 49 -17.84 -13.20 4.14
CA ARG A 49 -18.41 -12.23 3.20
C ARG A 49 -18.22 -10.83 3.78
N PHE A 50 -17.67 -9.92 2.97
CA PHE A 50 -17.40 -8.57 3.45
C PHE A 50 -17.61 -7.50 2.39
N LYS A 51 -17.40 -6.24 2.78
CA LYS A 51 -17.53 -5.08 1.88
C LYS A 51 -16.36 -4.10 2.05
N VAL A 52 -16.13 -3.27 1.04
CA VAL A 52 -15.05 -2.28 1.08
C VAL A 52 -15.56 -0.85 1.26
N ARG A 53 -15.01 -0.15 2.23
CA ARG A 53 -15.38 1.23 2.50
C ARG A 53 -14.19 2.12 2.16
N VAL A 54 -14.45 3.27 1.54
CA VAL A 54 -13.36 4.17 1.18
C VAL A 54 -13.63 5.55 1.75
N GLY A 55 -12.65 6.43 1.65
CA GLY A 55 -12.80 7.80 2.14
C GLY A 55 -13.28 7.92 3.57
N ASP A 56 -12.82 7.03 4.43
CA ASP A 56 -13.21 7.07 5.84
C ASP A 56 -11.99 7.42 6.70
N ARG A 57 -12.10 8.51 7.45
CA ARG A 57 -11.00 8.91 8.33
C ARG A 57 -11.38 8.62 9.78
N ASN A 58 -12.68 8.71 10.06
CA ASN A 58 -13.18 8.47 11.40
C ASN A 58 -14.38 7.54 11.40
N THR A 59 -14.24 6.38 12.04
CA THR A 59 -15.32 5.41 12.09
C THR A 59 -16.38 5.75 13.14
N GLU A 60 -16.05 6.69 14.02
CA GLU A 60 -16.99 7.13 15.07
C GLU A 60 -18.05 8.01 14.43
N GLN A 61 -17.62 9.14 13.89
CA GLN A 61 -18.52 10.09 13.26
C GLN A 61 -18.88 9.64 11.84
N GLU A 62 -20.15 9.83 11.48
CA GLU A 62 -20.62 9.46 10.14
C GLU A 62 -20.11 10.53 9.18
N GLU A 63 -19.23 11.38 9.69
CA GLU A 63 -18.58 12.45 8.95
C GLU A 63 -19.48 13.01 7.86
N GLY A 64 -19.42 12.37 6.69
CA GLY A 64 -20.23 12.81 5.57
C GLY A 64 -19.49 12.74 4.24
N GLY A 65 -18.97 11.56 3.91
CA GLY A 65 -18.23 11.42 2.66
C GLY A 65 -17.81 10.00 2.34
N GLU A 66 -18.03 9.08 3.27
CA GLU A 66 -17.65 7.69 3.07
C GLU A 66 -18.38 7.08 1.87
N ALA A 67 -18.20 5.78 1.69
CA ALA A 67 -18.85 5.05 0.60
C ALA A 67 -18.67 3.56 0.80
N VAL A 68 -19.61 2.78 0.28
CA VAL A 68 -19.53 1.34 0.41
C VAL A 68 -19.57 0.71 -0.97
N HIS A 69 -18.89 -0.41 -1.11
CA HIS A 69 -18.80 -1.12 -2.37
C HIS A 69 -18.71 -2.61 -2.11
N GLU A 70 -19.45 -3.39 -2.90
CA GLU A 70 -19.43 -4.84 -2.77
C GLU A 70 -18.39 -5.40 -3.74
N VAL A 71 -17.81 -6.54 -3.39
CA VAL A 71 -16.81 -7.17 -4.24
C VAL A 71 -17.50 -8.04 -5.28
N GLU A 72 -17.20 -7.80 -6.55
CA GLU A 72 -17.79 -8.57 -7.63
C GLU A 72 -16.96 -9.82 -7.89
N VAL A 73 -15.67 -9.75 -7.56
CA VAL A 73 -14.78 -10.89 -7.74
C VAL A 73 -13.62 -10.84 -6.75
N VAL A 74 -13.24 -12.01 -6.28
CA VAL A 74 -12.14 -12.16 -5.33
C VAL A 74 -11.02 -12.90 -6.06
N ILE A 75 -9.84 -12.28 -6.13
CA ILE A 75 -8.72 -12.89 -6.84
C ILE A 75 -7.51 -13.22 -5.96
N LYS A 76 -7.62 -14.36 -5.26
CA LYS A 76 -6.58 -14.83 -4.37
C LYS A 76 -5.45 -15.53 -5.14
N HIS A 77 -4.21 -15.19 -4.81
CA HIS A 77 -3.06 -15.78 -5.49
C HIS A 77 -3.05 -17.29 -5.26
N ASN A 78 -2.82 -18.04 -6.32
CA ASN A 78 -2.81 -19.50 -6.27
C ASN A 78 -1.80 -20.11 -5.30
N ARG A 79 -0.62 -19.51 -5.22
CA ARG A 79 0.42 -20.04 -4.34
C ARG A 79 0.33 -19.55 -2.90
N PHE A 80 -0.75 -18.87 -2.56
CA PHE A 80 -0.93 -18.37 -1.20
C PHE A 80 -1.09 -19.53 -0.21
N THR A 81 -0.60 -19.33 1.02
CA THR A 81 -0.69 -20.36 2.06
C THR A 81 -0.70 -19.74 3.46
N LYS A 82 -1.47 -20.35 4.36
CA LYS A 82 -1.57 -19.85 5.73
C LYS A 82 -0.38 -20.22 6.60
N GLU A 83 0.37 -21.24 6.21
CA GLU A 83 1.53 -21.65 7.00
C GLU A 83 2.66 -20.63 6.97
N THR A 84 3.03 -20.18 5.78
CA THR A 84 4.11 -19.21 5.64
C THR A 84 3.61 -17.82 5.29
N TYR A 85 2.35 -17.71 4.90
CA TYR A 85 1.76 -16.43 4.52
C TYR A 85 2.42 -15.89 3.25
N ASP A 86 3.13 -16.77 2.56
CA ASP A 86 3.80 -16.40 1.31
C ASP A 86 2.71 -16.11 0.27
N PHE A 87 3.03 -15.29 -0.72
CA PHE A 87 2.07 -14.93 -1.76
C PHE A 87 0.81 -14.32 -1.15
N ASP A 88 1.00 -13.61 -0.05
CA ASP A 88 -0.12 -12.99 0.66
C ASP A 88 -0.60 -11.74 -0.05
N ILE A 89 -1.19 -11.93 -1.22
CA ILE A 89 -1.67 -10.83 -2.01
C ILE A 89 -2.97 -11.19 -2.74
N ALA A 90 -3.85 -10.21 -2.88
CA ALA A 90 -5.12 -10.43 -3.57
C ALA A 90 -5.67 -9.11 -4.04
N VAL A 91 -6.45 -9.19 -5.11
CA VAL A 91 -7.07 -8.03 -5.71
C VAL A 91 -8.58 -8.22 -5.62
N LEU A 92 -9.29 -7.10 -5.49
CA LEU A 92 -10.74 -7.14 -5.40
C LEU A 92 -11.37 -6.18 -6.40
N ARG A 93 -12.21 -6.70 -7.28
CA ARG A 93 -12.90 -5.88 -8.26
C ARG A 93 -14.27 -5.54 -7.70
N LEU A 94 -14.54 -4.26 -7.51
CA LEU A 94 -15.83 -3.83 -6.96
C LEU A 94 -16.95 -4.05 -7.98
N LYS A 95 -18.20 -3.93 -7.50
CA LYS A 95 -19.36 -4.08 -8.37
C LYS A 95 -19.71 -2.74 -9.01
N THR A 96 -19.40 -1.66 -8.30
CA THR A 96 -19.65 -0.32 -8.82
C THR A 96 -18.36 0.49 -8.69
N PRO A 97 -18.08 1.39 -9.64
CA PRO A 97 -16.88 2.23 -9.66
C PRO A 97 -16.73 3.31 -8.58
N ILE A 98 -15.60 3.27 -7.88
CA ILE A 98 -15.30 4.26 -6.85
C ILE A 98 -15.16 5.60 -7.54
N THR A 99 -15.84 6.61 -7.03
CA THR A 99 -15.75 7.94 -7.60
C THR A 99 -14.74 8.72 -6.78
N PHE A 100 -13.59 9.04 -7.38
CA PHE A 100 -12.54 9.78 -6.68
C PHE A 100 -12.97 11.19 -6.25
N ARG A 101 -12.44 11.61 -5.11
CA ARG A 101 -12.71 12.92 -4.54
C ARG A 101 -11.88 13.01 -3.27
N MET A 102 -12.16 14.03 -2.45
CA MET A 102 -11.41 14.22 -1.21
C MET A 102 -11.29 12.93 -0.39
N ASN A 103 -10.05 12.59 -0.01
CA ASN A 103 -9.77 11.38 0.78
C ASN A 103 -10.03 10.10 0.02
N VAL A 104 -10.26 10.22 -1.28
CA VAL A 104 -10.52 9.05 -2.12
C VAL A 104 -9.78 9.20 -3.44
N ALA A 105 -8.66 8.50 -3.57
CA ALA A 105 -7.85 8.52 -4.78
C ALA A 105 -6.90 7.32 -4.75
N PRO A 106 -6.50 6.84 -5.93
CA PRO A 106 -5.59 5.69 -6.01
C PRO A 106 -4.11 6.02 -5.88
N ALA A 107 -3.36 5.03 -5.38
CA ALA A 107 -1.92 5.16 -5.24
C ALA A 107 -1.39 4.72 -6.61
N CYS A 108 -0.18 5.15 -6.96
CA CYS A 108 0.39 4.77 -8.27
C CYS A 108 1.04 3.40 -8.27
N LEU A 109 0.86 2.69 -9.38
CA LEU A 109 1.51 1.39 -9.56
C LEU A 109 2.80 1.74 -10.28
N PRO A 110 3.96 1.30 -9.74
CA PRO A 110 5.25 1.61 -10.36
C PRO A 110 5.73 0.45 -11.21
N GLU A 111 6.74 0.72 -12.04
CA GLU A 111 7.39 -0.28 -12.91
C GLU A 111 8.41 -1.04 -12.08
N ARG A 112 8.46 -2.35 -12.26
CA ARG A 112 9.35 -3.20 -11.49
C ARG A 112 10.82 -2.80 -11.35
N ASP A 113 11.57 -2.78 -12.44
CA ASP A 113 12.98 -2.43 -12.33
C ASP A 113 13.20 -1.11 -11.59
N TRP A 114 12.49 -0.08 -12.01
CA TRP A 114 12.61 1.24 -11.39
C TRP A 114 12.30 1.21 -9.89
N ALA A 115 11.20 0.58 -9.51
CA ALA A 115 10.79 0.47 -8.10
C ALA A 115 11.85 -0.20 -7.24
N GLU A 116 12.47 -1.24 -7.79
CA GLU A 116 13.48 -1.97 -7.06
C GLU A 116 14.72 -1.13 -6.89
N SER A 117 15.14 -0.44 -7.93
CA SER A 117 16.33 0.38 -7.87
C SER A 117 16.15 1.72 -7.16
N THR A 118 14.93 2.27 -7.22
CA THR A 118 14.68 3.58 -6.65
C THR A 118 13.71 3.73 -5.48
N LEU A 119 12.63 2.95 -5.45
CA LEU A 119 11.69 3.06 -4.34
C LEU A 119 12.12 2.22 -3.14
N MET A 120 12.59 1.00 -3.40
CA MET A 120 13.03 0.12 -2.32
C MET A 120 14.35 0.58 -1.69
N THR A 121 15.02 1.54 -2.33
CA THR A 121 16.29 2.04 -1.82
C THR A 121 16.13 3.33 -1.04
N GLN A 122 14.92 3.86 -1.01
CA GLN A 122 14.63 5.05 -0.25
C GLN A 122 14.82 4.62 1.22
N LYS A 123 15.04 5.57 2.13
CA LYS A 123 15.24 5.22 3.53
C LYS A 123 13.96 4.71 4.21
N THR A 124 12.80 5.24 3.82
CA THR A 124 11.55 4.83 4.44
C THR A 124 10.30 4.80 3.55
N GLY A 125 9.25 4.20 4.11
CA GLY A 125 7.97 4.10 3.43
C GLY A 125 6.89 4.56 4.39
N ILE A 126 5.66 4.60 3.92
CA ILE A 126 4.53 5.03 4.75
C ILE A 126 3.46 3.95 4.84
N VAL A 127 3.15 3.55 6.06
CA VAL A 127 2.14 2.53 6.29
C VAL A 127 0.95 3.18 6.98
N SER A 128 -0.26 2.71 6.70
CA SER A 128 -1.44 3.31 7.31
C SER A 128 -2.52 2.28 7.59
N GLY A 129 -3.50 2.64 8.41
CA GLY A 129 -4.58 1.72 8.70
C GLY A 129 -5.38 2.02 9.95
N PHE A 130 -6.48 1.29 10.14
CA PHE A 130 -7.35 1.45 11.32
C PHE A 130 -7.05 0.33 12.32
N GLY A 131 -5.81 -0.15 12.30
CA GLY A 131 -5.40 -1.24 13.19
C GLY A 131 -5.11 -0.85 14.63
N ARG A 132 -4.85 -1.88 15.45
CA ARG A 132 -4.56 -1.70 16.87
C ARG A 132 -3.44 -0.72 17.13
N THR A 133 -3.60 0.09 18.17
CA THR A 133 -2.60 1.07 18.54
C THR A 133 -1.57 0.43 19.48
N HIS A 134 -1.88 -0.78 19.93
CA HIS A 134 -1.00 -1.52 20.83
C HIS A 134 -1.04 -2.97 20.40
N GLU A 135 -0.10 -3.78 20.87
CA GLU A 135 -0.08 -5.18 20.48
C GLU A 135 -1.38 -5.93 20.78
N LYS A 136 -1.87 -5.82 22.00
CA LYS A 136 -3.10 -6.53 22.36
C LYS A 136 -4.29 -5.62 22.68
N GLY A 137 -4.15 -4.36 22.27
CA GLY A 137 -5.22 -3.39 22.51
C GLY A 137 -6.37 -3.49 21.53
N ARG A 138 -7.16 -2.41 21.46
CA ARG A 138 -8.31 -2.32 20.58
C ARG A 138 -7.89 -1.62 19.29
N GLN A 139 -8.75 -1.64 18.28
CA GLN A 139 -8.43 -0.97 17.03
C GLN A 139 -8.61 0.54 17.20
N SER A 140 -8.14 1.32 16.23
CA SER A 140 -8.23 2.77 16.29
C SER A 140 -9.41 3.25 15.46
N THR A 141 -10.24 4.11 16.03
CA THR A 141 -11.38 4.63 15.28
C THR A 141 -10.85 5.64 14.28
N ARG A 142 -9.66 6.17 14.55
CA ARG A 142 -9.03 7.18 13.70
C ARG A 142 -8.02 6.53 12.76
N LEU A 143 -8.01 6.98 11.50
CA LEU A 143 -7.08 6.44 10.52
C LEU A 143 -5.67 6.96 10.81
N LYS A 144 -4.73 6.05 11.00
CA LYS A 144 -3.35 6.42 11.30
C LYS A 144 -2.34 6.07 10.21
N MET A 145 -1.21 6.75 10.25
CA MET A 145 -0.15 6.54 9.30
C MET A 145 1.19 6.61 10.02
N LEU A 146 2.13 5.77 9.60
CA LEU A 146 3.44 5.76 10.23
C LEU A 146 4.58 5.61 9.22
N GLU A 147 5.67 6.34 9.45
CA GLU A 147 6.82 6.27 8.58
C GLU A 147 7.72 5.14 9.09
N VAL A 148 7.92 4.12 8.25
CA VAL A 148 8.73 2.98 8.64
C VAL A 148 9.95 2.82 7.74
N PRO A 149 11.13 2.65 8.35
CA PRO A 149 12.34 2.50 7.54
C PRO A 149 12.45 1.11 6.90
N TYR A 150 13.07 1.06 5.72
CA TYR A 150 13.27 -0.20 5.05
C TYR A 150 14.38 -0.90 5.82
N VAL A 151 14.28 -2.22 5.89
CA VAL A 151 15.27 -3.03 6.58
C VAL A 151 15.78 -4.05 5.56
N ASP A 152 17.08 -4.23 5.48
CA ASP A 152 17.67 -5.18 4.53
C ASP A 152 17.25 -6.62 4.85
N ARG A 153 17.01 -7.41 3.81
CA ARG A 153 16.58 -8.80 3.96
C ARG A 153 17.37 -9.65 4.96
N ASN A 154 18.70 -9.56 4.95
CA ASN A 154 19.48 -10.38 5.87
C ASN A 154 19.13 -10.09 7.33
N SER A 155 19.12 -8.81 7.72
CA SER A 155 18.77 -8.45 9.09
C SER A 155 17.35 -8.91 9.34
N CYS A 156 16.52 -8.80 8.31
CA CYS A 156 15.13 -9.22 8.34
C CYS A 156 15.02 -10.71 8.62
N LYS A 157 15.56 -11.54 7.72
CA LYS A 157 15.50 -12.98 7.89
C LYS A 157 16.04 -13.43 9.25
N LEU A 158 17.09 -12.75 9.71
CA LEU A 158 17.72 -13.10 10.99
C LEU A 158 16.86 -12.74 12.19
N SER A 159 16.28 -11.54 12.16
CA SER A 159 15.43 -11.08 13.26
C SER A 159 14.14 -11.87 13.34
N SER A 160 13.85 -12.66 12.30
CA SER A 160 12.61 -13.43 12.25
C SER A 160 12.70 -14.89 12.67
N SER A 161 11.67 -15.33 13.39
CA SER A 161 11.58 -16.71 13.84
C SER A 161 11.02 -17.52 12.67
N PHE A 162 10.34 -16.82 11.77
CA PHE A 162 9.72 -17.44 10.59
C PHE A 162 10.43 -17.08 9.30
N ILE A 163 10.25 -17.93 8.28
CA ILE A 163 10.90 -17.74 6.99
C ILE A 163 10.41 -16.52 6.21
N ILE A 164 11.36 -15.74 5.70
CA ILE A 164 11.06 -14.54 4.92
C ILE A 164 11.34 -14.80 3.44
N THR A 165 10.31 -15.10 2.66
CA THR A 165 10.48 -15.37 1.24
C THR A 165 10.81 -14.08 0.51
N GLN A 166 11.20 -14.19 -0.75
CA GLN A 166 11.54 -13.03 -1.55
C GLN A 166 10.28 -12.30 -2.00
N ASN A 167 9.14 -12.73 -1.46
CA ASN A 167 7.86 -12.11 -1.76
C ASN A 167 7.44 -11.19 -0.63
N MET A 168 8.27 -11.13 0.41
CA MET A 168 7.97 -10.28 1.56
C MET A 168 9.20 -9.40 1.84
N PHE A 169 9.02 -8.40 2.70
CA PHE A 169 10.14 -7.55 3.09
C PHE A 169 9.90 -6.93 4.46
N CYS A 170 10.98 -6.47 5.09
CA CYS A 170 10.91 -5.88 6.42
C CYS A 170 10.90 -4.37 6.39
N ALA A 171 10.24 -3.77 7.38
CA ALA A 171 10.17 -2.33 7.50
C ALA A 171 9.82 -2.01 8.94
N GLY A 172 10.34 -0.91 9.45
CA GLY A 172 10.06 -0.56 10.82
C GLY A 172 11.33 -0.39 11.62
N TYR A 173 11.22 -0.50 12.94
CA TYR A 173 12.35 -0.33 13.82
C TYR A 173 12.60 -1.60 14.63
N ASP A 174 13.84 -1.75 15.09
CA ASP A 174 14.23 -2.91 15.89
C ASP A 174 13.69 -2.81 17.33
N THR A 175 13.95 -1.68 17.98
CA THR A 175 13.50 -1.50 19.36
C THR A 175 12.58 -0.30 19.53
N LYS A 176 12.65 0.66 18.62
CA LYS A 176 11.79 1.85 18.70
C LYS A 176 10.37 1.32 18.57
N GLN A 177 9.50 1.71 19.49
CA GLN A 177 8.13 1.22 19.49
C GLN A 177 7.14 1.85 18.52
N GLU A 178 7.24 1.46 17.25
CA GLU A 178 6.35 1.92 16.20
C GLU A 178 6.23 0.75 15.24
N ASP A 179 5.03 0.48 14.77
CA ASP A 179 4.85 -0.66 13.88
C ASP A 179 3.39 -0.75 13.45
N ALA A 180 3.09 -1.65 12.52
CA ALA A 180 1.74 -1.88 12.06
C ALA A 180 1.22 -2.96 13.02
N CYS A 181 -0.08 -3.18 13.06
CA CYS A 181 -0.62 -4.17 13.98
C CYS A 181 -1.86 -4.81 13.41
N GLN A 182 -2.39 -5.80 14.12
CA GLN A 182 -3.59 -6.51 13.69
C GLN A 182 -4.65 -5.48 13.32
N GLY A 183 -5.27 -5.66 12.16
CA GLY A 183 -6.27 -4.71 11.72
C GLY A 183 -5.78 -3.94 10.52
N ASP A 184 -4.47 -3.70 10.46
CA ASP A 184 -3.87 -2.97 9.35
C ASP A 184 -3.69 -3.88 8.14
N SER A 185 -3.49 -5.17 8.40
CA SER A 185 -3.28 -6.16 7.35
C SER A 185 -4.05 -5.85 6.07
N GLY A 186 -3.40 -6.10 4.93
CA GLY A 186 -4.02 -5.85 3.65
C GLY A 186 -3.97 -4.39 3.27
N GLY A 187 -3.68 -3.54 4.25
CA GLY A 187 -3.59 -2.10 4.03
C GLY A 187 -2.43 -1.67 3.15
N PRO A 188 -2.33 -0.36 2.86
CA PRO A 188 -1.26 0.19 2.02
C PRO A 188 0.09 0.50 2.65
N HIS A 189 1.12 0.27 1.85
CA HIS A 189 2.48 0.59 2.21
C HIS A 189 2.90 1.28 0.93
N VAL A 190 3.03 2.59 0.98
CA VAL A 190 3.41 3.35 -0.19
C VAL A 190 4.75 4.04 0.08
N THR A 191 5.44 4.42 -0.99
CA THR A 191 6.74 5.08 -0.90
C THR A 191 6.67 6.36 -1.73
N ARG A 192 7.11 7.46 -1.14
CA ARG A 192 7.07 8.76 -1.81
C ARG A 192 8.31 9.09 -2.63
N PHE A 193 8.09 9.52 -3.86
CA PHE A 193 9.19 9.92 -4.72
C PHE A 193 8.75 11.16 -5.46
N LYS A 194 9.53 12.23 -5.32
CA LYS A 194 9.20 13.50 -5.97
C LYS A 194 7.71 13.81 -5.88
N ASP A 195 7.20 13.88 -4.64
CA ASP A 195 5.80 14.18 -4.36
C ASP A 195 4.69 13.30 -4.93
N THR A 196 5.04 12.08 -5.32
CA THR A 196 4.03 11.14 -5.81
C THR A 196 4.25 9.85 -5.04
N TYR A 197 3.18 9.30 -4.47
CA TYR A 197 3.29 8.05 -3.71
C TYR A 197 2.99 6.81 -4.54
N PHE A 198 3.87 5.83 -4.45
CA PHE A 198 3.67 4.59 -5.19
C PHE A 198 3.47 3.42 -4.25
N VAL A 199 2.61 2.49 -4.64
CA VAL A 199 2.33 1.28 -3.87
C VAL A 199 3.58 0.43 -3.83
N THR A 200 4.08 0.09 -2.64
CA THR A 200 5.29 -0.72 -2.54
C THR A 200 5.15 -1.97 -1.71
N GLY A 201 4.12 -2.01 -0.86
CA GLY A 201 3.93 -3.18 -0.03
C GLY A 201 2.50 -3.38 0.46
N ILE A 202 2.26 -4.53 1.04
CA ILE A 202 0.94 -4.86 1.58
C ILE A 202 1.16 -5.39 3.00
N VAL A 203 0.56 -4.71 3.98
CA VAL A 203 0.68 -5.14 5.37
C VAL A 203 0.36 -6.63 5.41
N SER A 204 1.32 -7.44 5.83
CA SER A 204 1.10 -8.88 5.89
C SER A 204 1.09 -9.44 7.32
N TRP A 205 2.24 -9.46 7.99
CA TRP A 205 2.30 -9.97 9.35
C TRP A 205 3.47 -9.46 10.18
N GLY A 206 3.67 -10.10 11.33
CA GLY A 206 4.75 -9.74 12.23
C GLY A 206 4.62 -10.50 13.53
N GLU A 207 5.74 -10.79 14.17
CA GLU A 207 5.71 -11.48 15.45
C GLU A 207 5.28 -10.45 16.49
N GLY A 208 3.97 -10.43 16.77
CA GLY A 208 3.46 -9.47 17.72
C GLY A 208 3.39 -8.11 17.06
N CYS A 209 3.53 -7.04 17.84
CA CYS A 209 3.48 -5.71 17.28
C CYS A 209 4.46 -4.76 17.94
N ALA A 210 5.49 -4.38 17.19
CA ALA A 210 6.50 -3.46 17.67
C ALA A 210 7.29 -4.00 18.85
N ARG A 211 7.45 -5.32 18.91
CA ARG A 211 8.23 -5.93 19.99
C ARG A 211 9.69 -5.56 19.75
N LYS A 212 10.60 -6.20 20.47
CA LYS A 212 12.02 -5.92 20.29
C LYS A 212 12.66 -7.00 19.41
N GLY A 213 13.54 -6.56 18.50
CA GLY A 213 14.20 -7.49 17.62
C GLY A 213 13.29 -7.99 16.50
N LYS A 214 12.13 -7.36 16.33
CA LYS A 214 11.17 -7.76 15.31
C LYS A 214 10.71 -6.58 14.45
N TYR A 215 10.37 -6.84 13.20
CA TYR A 215 9.93 -5.78 12.29
C TYR A 215 8.58 -6.14 11.70
N GLY A 216 8.04 -5.23 10.90
CA GLY A 216 6.78 -5.50 10.24
C GLY A 216 7.10 -6.23 8.95
N ILE A 217 6.30 -7.25 8.63
CA ILE A 217 6.51 -8.02 7.41
C ILE A 217 5.49 -7.58 6.36
N TYR A 218 5.98 -7.27 5.17
CA TYR A 218 5.10 -6.80 4.10
C TYR A 218 5.23 -7.57 2.81
N THR A 219 4.15 -7.62 2.03
CA THR A 219 4.19 -8.32 0.75
C THR A 219 4.91 -7.41 -0.22
N LYS A 220 6.00 -7.88 -0.82
CA LYS A 220 6.76 -7.08 -1.78
C LYS A 220 5.96 -6.92 -3.07
N VAL A 221 5.30 -5.78 -3.24
CA VAL A 221 4.49 -5.53 -4.44
C VAL A 221 5.26 -5.56 -5.75
N THR A 222 6.55 -5.23 -5.71
CA THR A 222 7.35 -5.24 -6.93
C THR A 222 7.42 -6.63 -7.53
N ALA A 223 7.29 -7.65 -6.69
CA ALA A 223 7.34 -9.04 -7.15
C ALA A 223 6.02 -9.53 -7.72
N PHE A 224 4.98 -8.69 -7.68
CA PHE A 224 3.67 -9.08 -8.19
C PHE A 224 3.06 -8.06 -9.15
N LEU A 225 3.88 -7.14 -9.64
CA LEU A 225 3.39 -6.11 -10.56
C LEU A 225 2.73 -6.66 -11.82
N LYS A 226 3.30 -7.72 -12.38
CA LYS A 226 2.71 -8.31 -13.58
C LYS A 226 1.41 -9.01 -13.20
N TRP A 227 1.44 -9.68 -12.05
CA TRP A 227 0.27 -10.39 -11.54
C TRP A 227 -0.89 -9.41 -11.37
N ILE A 228 -0.60 -8.25 -10.80
CA ILE A 228 -1.64 -7.26 -10.58
C ILE A 228 -2.25 -6.79 -11.90
N ASP A 229 -1.42 -6.50 -12.89
CA ASP A 229 -1.91 -6.04 -14.19
C ASP A 229 -2.79 -7.13 -14.80
N ARG A 230 -2.36 -8.38 -14.66
CA ARG A 230 -3.16 -9.49 -15.17
C ARG A 230 -4.50 -9.43 -14.46
N SER A 231 -4.46 -9.54 -13.13
CA SER A 231 -5.63 -9.51 -12.28
C SER A 231 -6.62 -8.38 -12.54
N MET A 232 -6.11 -7.25 -13.01
CA MET A 232 -6.95 -6.09 -13.31
C MET A 232 -7.26 -6.04 -14.81
N LYS A 233 -6.86 -7.08 -15.52
CA LYS A 233 -7.06 -7.14 -16.97
C LYS A 233 -6.15 -6.07 -17.54
N THR A 234 -4.94 -6.48 -17.91
CA THR A 234 -3.89 -5.63 -18.47
C THR A 234 -3.59 -4.40 -17.60
N VAL B 1 22.95 6.94 -16.04
CA VAL B 1 22.39 8.31 -15.85
C VAL B 1 21.18 8.28 -14.90
N CYS B 2 20.46 7.16 -14.86
CA CYS B 2 19.31 7.03 -13.96
C CYS B 2 19.74 7.06 -12.47
N SER B 3 21.01 6.71 -12.23
CA SER B 3 21.59 6.67 -10.90
C SER B 3 21.99 8.02 -10.31
N LEU B 4 21.75 9.09 -11.06
CA LEU B 4 22.06 10.44 -10.59
C LEU B 4 20.82 11.31 -10.76
N ASP B 5 20.26 11.74 -9.65
CA ASP B 5 19.05 12.54 -9.67
C ASP B 5 17.99 11.90 -10.59
N ASN B 6 17.88 10.58 -10.50
CA ASN B 6 16.89 9.82 -11.27
C ASN B 6 16.84 10.23 -12.74
N GLY B 7 18.01 10.41 -13.34
CA GLY B 7 18.10 10.82 -14.74
C GLY B 7 17.25 12.05 -15.01
N ASP B 8 17.00 12.83 -13.96
CA ASP B 8 16.18 14.03 -14.06
C ASP B 8 14.72 13.71 -14.40
N CYS B 9 14.34 12.45 -14.29
CA CYS B 9 12.94 12.07 -14.56
C CYS B 9 12.06 12.41 -13.35
N ASP B 10 10.80 12.74 -13.58
CA ASP B 10 9.89 13.04 -12.48
C ASP B 10 9.54 11.71 -11.83
N GLN B 11 9.42 10.68 -12.66
CA GLN B 11 9.05 9.37 -12.16
C GLN B 11 9.95 8.25 -12.66
N PHE B 12 9.44 7.40 -13.55
CA PHE B 12 10.24 6.27 -14.05
C PHE B 12 11.41 6.70 -14.92
N CYS B 13 12.57 6.10 -14.65
CA CYS B 13 13.78 6.41 -15.42
C CYS B 13 14.36 5.10 -15.95
N HIS B 14 14.73 5.10 -17.23
CA HIS B 14 15.31 3.91 -17.84
C HIS B 14 16.45 4.26 -18.80
N GLU B 15 17.52 3.47 -18.72
CA GLU B 15 18.68 3.69 -19.57
C GLU B 15 18.61 2.86 -20.84
N GLU B 16 18.22 3.52 -21.93
CA GLU B 16 18.11 2.86 -23.23
C GLU B 16 19.24 3.32 -24.15
N GLN B 17 19.83 2.38 -24.88
CA GLN B 17 20.91 2.68 -25.81
C GLN B 17 21.93 3.70 -25.28
N ASN B 18 22.28 3.55 -24.00
CA ASN B 18 23.25 4.43 -23.33
C ASN B 18 22.74 5.87 -23.14
N SER B 19 21.43 6.00 -22.99
CA SER B 19 20.80 7.31 -22.77
C SER B 19 19.57 7.12 -21.88
N VAL B 20 19.07 8.21 -21.33
CA VAL B 20 17.91 8.16 -20.45
C VAL B 20 16.57 8.34 -21.15
N VAL B 21 15.59 7.56 -20.73
CA VAL B 21 14.24 7.66 -21.25
C VAL B 21 13.28 7.65 -20.06
N CYS B 22 12.53 8.74 -19.89
CA CYS B 22 11.57 8.84 -18.79
C CYS B 22 10.20 8.35 -19.22
N SER B 23 9.38 7.97 -18.24
CA SER B 23 8.02 7.53 -18.49
C SER B 23 7.23 7.89 -17.24
N CYS B 24 5.90 7.84 -17.33
CA CYS B 24 5.04 8.20 -16.22
C CYS B 24 3.98 7.13 -15.98
N ALA B 25 3.35 7.21 -14.81
CA ALA B 25 2.30 6.26 -14.45
C ALA B 25 1.02 6.64 -15.15
N ARG B 26 0.05 5.72 -15.21
CA ARG B 26 -1.23 6.02 -15.84
C ARG B 26 -1.82 7.24 -15.15
N GLY B 27 -2.41 8.14 -15.93
CA GLY B 27 -2.98 9.34 -15.33
C GLY B 27 -2.05 10.52 -15.47
N TYR B 28 -0.84 10.28 -15.99
CA TYR B 28 0.15 11.34 -16.20
C TYR B 28 0.62 11.28 -17.66
N THR B 29 1.05 12.42 -18.19
CA THR B 29 1.53 12.43 -19.56
C THR B 29 2.96 12.94 -19.51
N LEU B 30 3.86 12.29 -20.24
CA LEU B 30 5.25 12.72 -20.25
C LEU B 30 5.32 14.10 -20.90
N ALA B 31 5.98 15.02 -20.21
CA ALA B 31 6.09 16.40 -20.68
C ALA B 31 6.82 16.54 -22.00
N ASP B 32 6.65 17.69 -22.64
CA ASP B 32 7.33 17.94 -23.91
C ASP B 32 8.84 17.81 -23.73
N ASN B 33 9.35 18.24 -22.56
CA ASN B 33 10.78 18.17 -22.30
C ASN B 33 11.31 16.76 -22.03
N GLY B 34 10.45 15.76 -22.14
CA GLY B 34 10.86 14.38 -21.91
C GLY B 34 11.28 14.04 -20.48
N LYS B 35 10.99 14.95 -19.55
CA LYS B 35 11.37 14.75 -18.15
C LYS B 35 10.22 14.74 -17.16
N ALA B 36 9.49 15.84 -17.09
CA ALA B 36 8.39 15.99 -16.14
C ALA B 36 7.14 15.17 -16.46
N CYS B 37 6.31 14.97 -15.43
CA CYS B 37 5.07 14.22 -15.56
C CYS B 37 3.91 15.14 -15.21
N ILE B 38 3.04 15.38 -16.19
CA ILE B 38 1.90 16.27 -16.04
C ILE B 38 0.63 15.48 -15.73
N PRO B 39 -0.04 15.79 -14.62
CA PRO B 39 -1.27 15.08 -14.26
C PRO B 39 -2.33 15.44 -15.29
N THR B 40 -3.12 14.44 -15.71
CA THR B 40 -4.16 14.66 -16.72
C THR B 40 -5.55 14.87 -16.13
N GLY B 41 -5.76 14.36 -14.92
CA GLY B 41 -7.04 14.52 -14.28
C GLY B 41 -6.91 15.28 -12.98
N PRO B 42 -8.03 15.50 -12.27
CA PRO B 42 -8.02 16.22 -10.99
C PRO B 42 -7.56 15.32 -9.83
N TYR B 43 -7.80 14.02 -9.95
CA TYR B 43 -7.40 13.07 -8.91
C TYR B 43 -6.40 12.06 -9.45
N PRO B 44 -5.18 12.52 -9.73
CA PRO B 44 -4.13 11.64 -10.26
C PRO B 44 -3.59 10.72 -9.16
N CYS B 45 -3.26 9.49 -9.51
CA CYS B 45 -2.74 8.58 -8.51
C CYS B 45 -1.51 9.13 -7.83
N GLY B 46 -1.32 8.73 -6.57
CA GLY B 46 -0.16 9.17 -5.83
C GLY B 46 -0.16 10.57 -5.27
N LYS B 47 -1.21 11.35 -5.55
CA LYS B 47 -1.27 12.72 -5.02
C LYS B 47 -2.29 12.89 -3.92
N GLN B 48 -1.84 13.34 -2.75
CA GLN B 48 -2.74 13.58 -1.64
C GLN B 48 -3.79 14.58 -2.15
N THR B 49 -5.04 14.36 -1.78
CA THR B 49 -6.12 15.23 -2.26
C THR B 49 -6.37 16.46 -1.41
N LEU B 50 -6.50 17.59 -2.09
CA LEU B 50 -6.77 18.86 -1.44
C LEU B 50 -8.18 19.32 -1.77
N GLU B 51 -8.69 20.27 -0.98
CA GLU B 51 -10.05 20.77 -1.18
C GLU B 51 -10.15 21.91 -2.20
C1 JNJ C . -0.96 -9.58 16.18
C2 JNJ C . -0.49 -10.79 15.58
C3 JNJ C . -0.42 -12.19 15.96
N6 JNJ C . -1.92 -8.13 17.84
C7 JNJ C . 0.00 -10.39 14.32
C8 JNJ C . 2.59 -15.53 11.05
C9 JNJ C . 1.29 -15.06 10.74
C10 JNJ C . 0.64 -14.15 11.62
C11 JNJ C . 1.27 -13.69 12.84
C12 JNJ C . 2.58 -14.19 13.12
C13 JNJ C . 3.23 -15.10 12.25
C14 JNJ C . 3.50 -17.84 10.31
C15 JNJ C . 4.49 -17.19 8.52
C16 JNJ C . 3.94 -16.07 9.05
C19 JNJ C . 0.73 -19.53 10.88
C20 JNJ C . -1.57 -9.41 17.53
C21 JNJ C . 2.03 -6.66 12.25
C22 JNJ C . 1.58 -7.54 13.28
C24 JNJ C . -0.57 -7.80 12.08
C27 JNJ C . 3.20 -5.91 11.95
N1 JNJ C . -0.78 -8.52 15.36
N2 JNJ C . -0.19 -9.02 14.23
C4 JNJ C . 0.16 -13.14 15.06
C5 JNJ C . 0.65 -12.74 13.78
C6 JNJ C . 0.57 -11.36 13.42
F1 JNJ C . 1.05 -10.97 12.22
F2 JNJ C . -0.59 -13.72 11.29
N3 JNJ C . 3.29 -16.45 10.21
N4 JNJ C . 4.22 -18.28 9.28
C17 JNJ C . 2.97 -18.73 11.44
N5 JNJ C . 1.50 -18.58 11.70
C18 JNJ C . 1.20 -18.83 13.12
O1 JNJ C . -1.77 -10.33 18.34
C23 JNJ C . 0.27 -8.12 13.20
C25 JNJ C . -0.13 -6.93 11.03
C26 JNJ C . 1.18 -6.39 11.17
O2 JNJ C . 1.80 -5.55 10.31
N7 JNJ C . 3.08 -5.25 10.80
N8 JNJ C . 4.28 -5.89 12.73
#